data_3QM7
#
_entry.id   3QM7
#
_cell.length_a   34.286
_cell.length_b   51.714
_cell.length_c   38.633
_cell.angle_alpha   90.00
_cell.angle_beta   105.09
_cell.angle_gamma   90.00
#
_symmetry.space_group_name_H-M   'P 1 21 1'
#
loop_
_entity.id
_entity.type
_entity.pdbx_description
1 polymer Myoglobin
2 non-polymer 'PROTOPORPHYRIN IX CONTAINING FE'
3 non-polymer 'CARBON MONOXIDE'
4 non-polymer 1,2-ETHANEDIOL
5 water water
#
_entity_poly.entity_id   1
_entity_poly.type   'polypeptide(L)'
_entity_poly.pdbx_seq_one_letter_code
;(ACE)ADFDAVLKCWGPVEADYTTIGGLVLTRLFKEHPETQKLFPKFAGIAQADIAGNAAVSAHGATVLKKLGELLKAKG
SHAAILKPLANSHATKHKIPINNFKLISEVLVKVMQEKAGLDAGGQTALRNVMGIIIADLEANYKELGFS
;
_entity_poly.pdbx_strand_id   A
#
# COMPACT_ATOMS: atom_id res chain seq x y z
N ALA A 2 12.70 -3.07 -14.91
CA ALA A 2 13.63 -3.76 -14.02
C ALA A 2 13.24 -3.62 -12.54
N ASP A 3 12.76 -2.45 -12.16
CA ASP A 3 12.41 -2.24 -10.77
CA ASP A 3 12.38 -2.23 -10.77
C ASP A 3 11.18 -3.08 -10.37
N PHE A 4 10.24 -3.29 -11.30
CA PHE A 4 9.09 -4.18 -11.02
C PHE A 4 9.57 -5.62 -10.80
N ASP A 5 10.56 -6.05 -11.60
CA ASP A 5 11.12 -7.39 -11.45
C ASP A 5 11.86 -7.53 -10.12
N ALA A 6 12.55 -6.48 -9.69
CA ALA A 6 13.30 -6.54 -8.43
C ALA A 6 12.34 -6.70 -7.27
N VAL A 7 11.19 -6.04 -7.29
CA VAL A 7 10.18 -6.20 -6.24
C VAL A 7 9.54 -7.59 -6.31
N LEU A 8 9.21 -8.04 -7.53
CA LEU A 8 8.55 -9.35 -7.68
C LEU A 8 9.43 -10.50 -7.23
N LYS A 9 10.75 -10.34 -7.32
CA LYS A 9 11.70 -11.33 -6.85
CA LYS A 9 11.62 -11.39 -6.87
CA LYS A 9 11.65 -11.39 -6.85
C LYS A 9 11.63 -11.55 -5.33
N CYS A 10 10.95 -10.65 -4.60
CA CYS A 10 10.76 -10.76 -3.16
C CYS A 10 9.29 -10.77 -2.78
N TRP A 11 8.38 -10.92 -3.73
CA TRP A 11 6.96 -10.85 -3.41
C TRP A 11 6.41 -12.16 -2.83
N GLY A 12 7.16 -13.25 -3.01
CA GLY A 12 6.69 -14.56 -2.57
C GLY A 12 6.20 -14.58 -1.12
N PRO A 13 6.99 -14.07 -0.15
CA PRO A 13 6.53 -14.09 1.24
C PRO A 13 5.30 -13.25 1.48
N VAL A 14 5.08 -12.24 0.65
CA VAL A 14 3.93 -11.36 0.80
C VAL A 14 2.68 -12.11 0.33
N GLU A 15 2.72 -12.63 -0.91
CA GLU A 15 1.61 -13.34 -1.47
CA GLU A 15 1.64 -13.39 -1.49
C GLU A 15 1.34 -14.68 -0.72
N ALA A 16 2.36 -15.24 -0.07
CA ALA A 16 2.17 -16.44 0.74
C ALA A 16 1.27 -16.22 1.94
N ASP A 17 1.19 -14.98 2.41
CA ASP A 17 0.34 -14.72 3.61
CA ASP A 17 0.62 -14.66 3.67
C ASP A 17 -0.05 -13.26 3.60
N TYR A 18 -0.97 -13.00 2.67
CA TYR A 18 -1.50 -11.64 2.49
C TYR A 18 -2.17 -11.12 3.74
N THR A 19 -2.86 -11.98 4.48
CA THR A 19 -3.53 -11.54 5.68
C THR A 19 -2.52 -11.18 6.78
N THR A 20 -1.53 -12.04 7.04
CA THR A 20 -0.57 -11.72 8.10
C THR A 20 0.27 -10.49 7.72
N ILE A 21 0.79 -10.46 6.51
CA ILE A 21 1.61 -9.34 6.08
C ILE A 21 0.76 -8.06 5.98
N GLY A 22 -0.48 -8.19 5.53
CA GLY A 22 -1.39 -7.06 5.44
C GLY A 22 -1.64 -6.46 6.82
N GLY A 23 -1.86 -7.32 7.83
CA GLY A 23 -1.98 -6.81 9.17
C GLY A 23 -0.73 -6.14 9.66
N LEU A 24 0.44 -6.68 9.36
CA LEU A 24 1.67 -6.02 9.75
CA LEU A 24 1.67 -6.02 9.76
C LEU A 24 1.75 -4.62 9.15
N VAL A 25 1.39 -4.48 7.88
CA VAL A 25 1.48 -3.20 7.21
C VAL A 25 0.53 -2.19 7.85
N LEU A 26 -0.74 -2.51 7.99
CA LEU A 26 -1.65 -1.51 8.56
C LEU A 26 -1.40 -1.23 10.02
N THR A 27 -1.01 -2.25 10.79
CA THR A 27 -0.64 -2.03 12.19
C THR A 27 0.51 -1.04 12.32
N ARG A 28 1.53 -1.24 11.48
CA ARG A 28 2.69 -0.37 11.52
CA ARG A 28 2.70 -0.37 11.52
C ARG A 28 2.36 1.03 11.00
N LEU A 29 1.51 1.13 9.98
CA LEU A 29 1.06 2.42 9.48
C LEU A 29 0.38 3.21 10.61
N PHE A 30 -0.52 2.56 11.32
CA PHE A 30 -1.28 3.25 12.37
C PHE A 30 -0.39 3.60 13.57
N LYS A 31 0.65 2.80 13.83
CA LYS A 31 1.60 3.07 14.90
CA LYS A 31 1.56 3.10 14.91
C LYS A 31 2.46 4.28 14.56
N GLU A 32 3.06 4.24 13.39
CA GLU A 32 4.08 5.23 12.99
C GLU A 32 3.48 6.51 12.45
N HIS A 33 2.24 6.44 11.98
CA HIS A 33 1.55 7.56 11.35
C HIS A 33 0.13 7.59 11.86
N PRO A 34 -0.05 7.92 13.13
CA PRO A 34 -1.34 7.72 13.79
C PRO A 34 -2.49 8.52 13.18
N GLU A 35 -2.18 9.61 12.50
CA GLU A 35 -3.20 10.40 11.85
C GLU A 35 -3.87 9.64 10.70
N THR A 36 -3.21 8.63 10.15
CA THR A 36 -3.83 7.88 9.09
C THR A 36 -5.00 7.04 9.56
N GLN A 37 -5.00 6.65 10.84
CA GLN A 37 -6.01 5.74 11.33
C GLN A 37 -7.40 6.37 11.30
N LYS A 38 -7.47 7.71 11.49
CA LYS A 38 -8.71 8.47 11.46
CA LYS A 38 -8.76 8.39 11.49
C LYS A 38 -9.40 8.38 10.11
N LEU A 39 -8.60 8.08 9.06
CA LEU A 39 -9.13 7.99 7.69
C LEU A 39 -9.86 6.69 7.43
N PHE A 40 -9.79 5.73 8.38
CA PHE A 40 -10.50 4.48 8.26
C PHE A 40 -11.60 4.53 9.33
N PRO A 41 -12.83 4.83 8.92
N PRO A 41 -12.73 5.16 9.14
N PRO A 41 -12.83 4.88 8.90
CA PRO A 41 -13.85 4.91 9.96
CA PRO A 41 -13.67 5.26 10.27
CA PRO A 41 -13.94 5.00 9.85
C PRO A 41 -14.39 3.59 10.48
C PRO A 41 -13.98 3.96 10.99
C PRO A 41 -14.10 3.72 10.66
N LYS A 42 -13.86 2.43 10.11
N LYS A 42 -13.94 2.84 10.29
CA LYS A 42 -14.13 1.25 10.94
CA LYS A 42 -14.15 1.53 10.94
C LYS A 42 -13.05 1.10 12.00
C LYS A 42 -13.07 1.16 11.97
N PHE A 43 -11.87 1.70 11.80
CA PHE A 43 -10.74 1.46 12.69
C PHE A 43 -10.34 2.65 13.55
N ALA A 44 -10.81 3.85 13.22
CA ALA A 44 -10.44 5.04 13.97
C ALA A 44 -10.83 4.85 15.43
N GLY A 45 -9.91 5.19 16.34
CA GLY A 45 -10.20 5.11 17.73
C GLY A 45 -9.82 3.80 18.40
N ILE A 46 -9.43 2.78 17.63
CA ILE A 46 -8.96 1.53 18.23
C ILE A 46 -7.56 1.74 18.81
N ALA A 47 -7.41 1.49 20.12
CA ALA A 47 -6.13 1.59 20.78
C ALA A 47 -5.09 0.74 20.07
N GLN A 48 -3.86 1.23 20.01
CA GLN A 48 -2.82 0.53 19.27
C GLN A 48 -2.65 -0.94 19.71
N ALA A 49 -2.75 -1.19 21.02
CA ALA A 49 -2.56 -2.53 21.53
C ALA A 49 -3.49 -3.55 20.93
N ASP A 50 -4.61 -3.08 20.41
CA ASP A 50 -5.67 -3.96 19.92
CA ASP A 50 -5.67 -3.94 19.92
C ASP A 50 -5.65 -4.10 18.41
N ILE A 51 -4.70 -3.48 17.72
CA ILE A 51 -4.72 -3.47 16.26
C ILE A 51 -4.08 -4.71 15.65
N ALA A 52 -2.95 -5.17 16.21
CA ALA A 52 -2.22 -6.30 15.60
C ALA A 52 -3.08 -7.56 15.54
N GLY A 53 -3.94 -7.75 16.53
CA GLY A 53 -4.81 -8.92 16.59
C GLY A 53 -6.18 -8.76 15.94
N ASN A 54 -6.44 -7.64 15.27
CA ASN A 54 -7.75 -7.36 14.72
C ASN A 54 -7.86 -7.95 13.34
N ALA A 55 -8.76 -8.91 13.20
CA ALA A 55 -8.92 -9.65 11.94
C ALA A 55 -9.41 -8.77 10.81
N ALA A 56 -10.24 -7.75 11.09
CA ALA A 56 -10.71 -6.86 10.05
C ALA A 56 -9.59 -5.99 9.52
N VAL A 57 -8.70 -5.53 10.40
CA VAL A 57 -7.54 -4.78 9.97
C VAL A 57 -6.68 -5.64 9.05
N SER A 58 -6.39 -6.88 9.48
CA SER A 58 -5.56 -7.75 8.66
CA SER A 58 -5.54 -7.72 8.64
C SER A 58 -6.21 -8.04 7.31
N ALA A 59 -7.52 -8.27 7.30
CA ALA A 59 -8.23 -8.52 6.04
C ALA A 59 -8.12 -7.32 5.10
N HIS A 60 -8.25 -6.11 5.65
CA HIS A 60 -8.16 -5.01 4.79
CA HIS A 60 -8.10 -4.87 4.84
C HIS A 60 -6.71 -4.78 4.29
N GLY A 61 -5.72 -5.10 5.11
CA GLY A 61 -4.34 -5.05 4.62
C GLY A 61 -4.11 -6.07 3.50
N ALA A 62 -4.73 -7.24 3.63
CA ALA A 62 -4.65 -8.23 2.55
C ALA A 62 -5.22 -7.67 1.24
N THR A 63 -6.34 -6.96 1.31
CA THR A 63 -6.94 -6.34 0.14
C THR A 63 -5.98 -5.36 -0.52
N VAL A 64 -5.32 -4.52 0.28
CA VAL A 64 -4.33 -3.59 -0.23
C VAL A 64 -3.22 -4.34 -0.95
N LEU A 65 -2.66 -5.34 -0.29
CA LEU A 65 -1.51 -6.04 -0.86
CA LEU A 65 -1.49 -6.01 -0.87
C LEU A 65 -1.86 -6.84 -2.10
N LYS A 66 -3.05 -7.43 -2.12
CA LYS A 66 -3.50 -8.14 -3.32
CA LYS A 66 -3.51 -8.13 -3.32
CA LYS A 66 -3.49 -8.14 -3.32
C LYS A 66 -3.63 -7.19 -4.50
N LYS A 67 -4.13 -5.99 -4.25
CA LYS A 67 -4.26 -4.99 -5.31
C LYS A 67 -2.87 -4.57 -5.80
N LEU A 68 -1.94 -4.34 -4.88
CA LEU A 68 -0.60 -4.01 -5.26
CA LEU A 68 -0.55 -4.04 -5.27
C LEU A 68 0.06 -5.17 -6.06
N GLY A 69 -0.20 -6.41 -5.65
CA GLY A 69 0.33 -7.51 -6.39
C GLY A 69 -0.21 -7.56 -7.81
N GLU A 70 -1.53 -7.37 -7.93
N GLU A 70 -1.46 -7.17 -8.01
CA GLU A 70 -2.26 -7.40 -9.20
CA GLU A 70 -1.97 -6.97 -9.37
C GLU A 70 -1.60 -6.45 -10.17
C GLU A 70 -1.24 -5.83 -10.13
N LEU A 71 -1.24 -5.26 -9.66
N LEU A 71 -1.01 -4.68 -9.47
CA LEU A 71 -0.46 -4.23 -10.39
CA LEU A 71 -0.36 -3.50 -10.10
C LEU A 71 0.97 -4.69 -10.79
C LEU A 71 1.08 -3.82 -10.44
N LEU A 72 1.73 -5.24 -9.83
N LEU A 72 1.76 -4.50 -9.51
CA LEU A 72 3.13 -5.61 -10.06
CA LEU A 72 3.11 -4.96 -9.76
C LEU A 72 3.19 -6.62 -11.15
C LEU A 72 3.14 -5.99 -10.93
N LYS A 73 2.17 -7.47 -11.20
N LYS A 73 2.20 -6.95 -10.92
CA LYS A 73 2.17 -8.53 -12.17
CA LYS A 73 2.09 -8.01 -11.96
C LYS A 73 1.72 -7.97 -13.55
C LYS A 73 1.34 -7.51 -13.17
N ALA A 74 2.08 -6.69 -13.84
CA ALA A 74 1.57 -5.95 -14.97
C ALA A 74 2.68 -5.04 -15.48
N LYS A 75 3.36 -4.34 -14.56
CA LYS A 75 4.57 -3.57 -14.89
C LYS A 75 4.30 -2.25 -15.59
N GLY A 76 3.05 -1.80 -15.59
CA GLY A 76 2.70 -0.59 -16.32
C GLY A 76 1.51 -0.77 -17.24
N SER A 77 0.56 -1.61 -16.85
CA SER A 77 -0.70 -1.70 -17.55
C SER A 77 -1.72 -0.87 -16.79
N HIS A 78 -1.20 0.15 -16.11
CA HIS A 78 -1.93 0.90 -15.09
C HIS A 78 -3.43 0.77 -15.15
N ALA A 79 -3.98 1.22 -16.27
CA ALA A 79 -5.21 2.00 -16.22
C ALA A 79 -6.46 1.39 -15.63
N ALA A 80 -6.83 0.20 -16.11
CA ALA A 80 -8.08 -0.42 -15.67
C ALA A 80 -8.02 -0.78 -14.20
N ILE A 81 -6.79 -0.86 -13.71
CA ILE A 81 -6.54 -1.13 -12.31
CA ILE A 81 -6.51 -1.12 -12.31
C ILE A 81 -6.37 0.17 -11.48
N LEU A 82 -5.52 1.10 -11.92
CA LEU A 82 -5.26 2.31 -11.07
CA LEU A 82 -5.22 2.29 -11.18
C LEU A 82 -6.31 3.40 -11.15
N LYS A 83 -7.01 3.59 -12.25
CA LYS A 83 -8.02 4.64 -12.29
CA LYS A 83 -8.02 4.64 -12.29
C LYS A 83 -9.14 4.40 -11.27
N PRO A 84 -9.68 3.18 -11.18
CA PRO A 84 -10.69 2.96 -10.15
C PRO A 84 -10.17 3.19 -8.74
N LEU A 85 -8.91 2.84 -8.49
CA LEU A 85 -8.31 3.04 -7.18
C LEU A 85 -8.22 4.53 -6.83
N ALA A 86 -7.76 5.34 -7.79
CA ALA A 86 -7.73 6.79 -7.58
C ALA A 86 -9.15 7.30 -7.33
N ASN A 87 -10.08 6.87 -8.17
CA ASN A 87 -11.46 7.35 -8.06
C ASN A 87 -12.01 7.06 -6.66
N SER A 88 -11.85 5.83 -6.17
CA SER A 88 -12.43 5.51 -4.88
C SER A 88 -11.68 6.21 -3.74
N HIS A 89 -10.37 6.29 -3.83
CA HIS A 89 -9.62 6.92 -2.73
C HIS A 89 -9.81 8.42 -2.69
N ALA A 90 -9.93 9.09 -3.83
CA ALA A 90 -10.18 10.53 -3.79
C ALA A 90 -11.61 10.83 -3.37
N THR A 91 -12.60 10.09 -3.90
CA THR A 91 -13.99 10.50 -3.81
C THR A 91 -14.82 9.78 -2.77
N LYS A 92 -14.51 8.53 -2.48
CA LYS A 92 -15.26 7.76 -1.47
CA LYS A 92 -15.25 7.76 -1.47
C LYS A 92 -14.54 7.80 -0.13
N HIS A 93 -13.27 7.43 -0.12
CA HIS A 93 -12.52 7.35 1.13
C HIS A 93 -11.93 8.70 1.52
N LYS A 94 -11.75 9.60 0.56
CA LYS A 94 -11.30 10.97 0.78
C LYS A 94 -9.90 11.01 1.42
N ILE A 95 -8.95 10.33 0.77
CA ILE A 95 -7.60 10.17 1.29
C ILE A 95 -6.67 11.22 0.67
N PRO A 96 -6.10 12.12 1.46
CA PRO A 96 -5.11 13.05 0.87
C PRO A 96 -3.94 12.26 0.29
N ILE A 97 -3.43 12.71 -0.86
CA ILE A 97 -2.46 11.96 -1.63
C ILE A 97 -1.17 11.62 -0.87
N ASN A 98 -0.74 12.49 0.04
CA ASN A 98 0.50 12.22 0.75
CA ASN A 98 0.52 12.20 0.74
C ASN A 98 0.44 10.93 1.57
N ASN A 99 -0.75 10.53 1.97
CA ASN A 99 -0.83 9.30 2.74
C ASN A 99 -0.32 8.08 2.00
N PHE A 100 -0.36 8.11 0.66
CA PHE A 100 0.20 7.00 -0.10
C PHE A 100 1.70 6.86 0.08
N LYS A 101 2.39 7.96 0.26
N LYS A 101 2.41 7.98 0.21
CA LYS A 101 3.83 7.89 0.50
CA LYS A 101 4.06 7.85 0.43
CA LYS A 101 3.84 7.99 0.52
C LYS A 101 4.11 7.23 1.86
C LYS A 101 4.10 7.23 1.84
N LEU A 102 3.25 7.48 2.83
CA LEU A 102 3.41 6.91 4.16
C LEU A 102 3.27 5.40 4.11
N ILE A 103 2.21 4.91 3.47
CA ILE A 103 2.02 3.47 3.41
C ILE A 103 3.12 2.79 2.58
N SER A 104 3.62 3.47 1.56
N SER A 104 3.62 3.50 1.56
CA SER A 104 4.72 2.92 0.80
CA SER A 104 4.75 3.04 0.74
C SER A 104 6.00 2.82 1.67
C SER A 104 5.93 2.67 1.62
N GLU A 105 6.24 3.81 2.53
N GLU A 105 6.35 3.64 2.41
CA GLU A 105 7.40 3.76 3.45
CA GLU A 105 7.53 3.48 3.25
C GLU A 105 7.31 2.56 4.39
C GLU A 105 7.29 2.38 4.30
N VAL A 106 6.09 2.30 4.87
CA VAL A 106 5.82 1.17 5.75
C VAL A 106 6.03 -0.15 5.02
N LEU A 107 5.51 -0.25 3.78
CA LEU A 107 5.67 -1.48 3.02
C LEU A 107 7.16 -1.79 2.77
N VAL A 108 7.97 -0.77 2.49
CA VAL A 108 9.39 -1.00 2.32
C VAL A 108 9.98 -1.64 3.57
N LYS A 109 9.63 -1.11 4.76
CA LYS A 109 10.17 -1.65 6.01
CA LYS A 109 10.14 -1.64 6.04
C LYS A 109 9.67 -3.06 6.27
N VAL A 110 8.40 -3.33 6.03
CA VAL A 110 7.86 -4.68 6.25
C VAL A 110 8.52 -5.68 5.30
N MET A 111 8.72 -5.29 4.03
CA MET A 111 9.36 -6.22 3.10
C MET A 111 10.85 -6.41 3.43
N GLN A 112 11.51 -5.38 3.94
CA GLN A 112 12.88 -5.49 4.42
CA GLN A 112 12.89 -5.57 4.39
C GLN A 112 12.94 -6.60 5.50
N GLU A 113 11.99 -6.57 6.42
N GLU A 113 11.99 -6.55 6.42
CA GLU A 113 12.01 -7.45 7.57
CA GLU A 113 11.97 -7.42 7.60
C GLU A 113 11.47 -8.84 7.30
C GLU A 113 11.46 -8.84 7.31
N LYS A 114 10.47 -8.96 6.43
CA LYS A 114 9.75 -10.21 6.25
CA LYS A 114 9.71 -10.19 6.25
C LYS A 114 9.89 -10.86 4.90
N ALA A 115 10.44 -10.14 3.91
CA ALA A 115 10.47 -10.64 2.55
C ALA A 115 11.83 -10.61 1.92
N GLY A 116 12.88 -10.35 2.67
CA GLY A 116 14.21 -10.39 2.13
C GLY A 116 14.53 -9.29 1.13
N LEU A 117 13.86 -8.16 1.22
CA LEU A 117 14.08 -7.05 0.29
C LEU A 117 15.34 -6.26 0.73
N ASP A 118 16.39 -6.37 -0.07
CA ASP A 118 17.70 -5.79 0.18
CA ASP A 118 17.67 -5.77 0.29
C ASP A 118 17.73 -4.30 -0.13
N ALA A 119 18.87 -3.66 0.07
CA ALA A 119 18.97 -2.22 -0.17
C ALA A 119 18.54 -1.82 -1.58
N GLY A 120 19.01 -2.52 -2.59
CA GLY A 120 18.63 -2.22 -3.97
C GLY A 120 17.16 -2.49 -4.19
N GLY A 121 16.62 -3.54 -3.57
CA GLY A 121 15.20 -3.82 -3.67
C GLY A 121 14.33 -2.75 -3.04
N GLN A 122 14.79 -2.23 -1.92
CA GLN A 122 14.12 -1.11 -1.23
CA GLN A 122 14.06 -1.14 -1.26
C GLN A 122 14.01 0.10 -2.17
N THR A 123 15.11 0.44 -2.84
CA THR A 123 15.10 1.51 -3.83
C THR A 123 14.14 1.22 -4.97
N ALA A 124 14.18 -0.02 -5.46
CA ALA A 124 13.27 -0.42 -6.55
C ALA A 124 11.81 -0.25 -6.12
N LEU A 125 11.47 -0.68 -4.91
CA LEU A 125 10.10 -0.56 -4.46
C LEU A 125 9.70 0.90 -4.30
N ARG A 126 10.60 1.73 -3.77
CA ARG A 126 10.30 3.17 -3.70
C ARG A 126 10.02 3.73 -5.10
N ASN A 127 10.81 3.31 -6.09
N ASN A 127 10.79 3.32 -6.09
CA ASN A 127 10.59 3.74 -7.49
CA ASN A 127 10.60 3.82 -7.45
C ASN A 127 9.21 3.34 -7.97
C ASN A 127 9.25 3.32 -8.03
N VAL A 128 8.88 2.07 -7.78
CA VAL A 128 7.60 1.55 -8.24
C VAL A 128 6.44 2.27 -7.57
N MET A 129 6.56 2.46 -6.27
CA MET A 129 5.51 3.20 -5.56
C MET A 129 5.43 4.64 -6.04
N GLY A 130 6.56 5.25 -6.40
CA GLY A 130 6.53 6.57 -6.98
C GLY A 130 5.77 6.63 -8.30
N ILE A 131 5.92 5.61 -9.14
CA ILE A 131 5.17 5.54 -10.40
C ILE A 131 3.68 5.45 -10.06
N ILE A 132 3.32 4.57 -9.14
CA ILE A 132 1.92 4.38 -8.78
C ILE A 132 1.33 5.68 -8.23
N ILE A 133 2.06 6.32 -7.31
CA ILE A 133 1.54 7.53 -6.68
C ILE A 133 1.42 8.68 -7.68
N ALA A 134 2.36 8.80 -8.64
CA ALA A 134 2.25 9.83 -9.64
C ALA A 134 1.01 9.62 -10.50
N ASP A 135 0.71 8.37 -10.82
CA ASP A 135 -0.49 8.11 -11.59
CA ASP A 135 -0.51 8.01 -11.60
C ASP A 135 -1.76 8.38 -10.78
N LEU A 136 -1.77 7.95 -9.52
CA LEU A 136 -2.89 8.28 -8.65
C LEU A 136 -3.11 9.81 -8.60
N GLU A 137 -2.03 10.54 -8.43
CA GLU A 137 -2.13 12.01 -8.30
C GLU A 137 -2.67 12.62 -9.59
N ALA A 138 -2.22 12.13 -10.75
CA ALA A 138 -2.73 12.65 -12.01
C ALA A 138 -4.24 12.44 -12.11
N ASN A 139 -4.71 11.26 -11.66
CA ASN A 139 -6.13 10.97 -11.67
C ASN A 139 -6.91 11.80 -10.62
N TYR A 140 -6.32 11.98 -9.43
CA TYR A 140 -6.90 12.92 -8.46
C TYR A 140 -7.11 14.29 -9.09
N LYS A 141 -6.10 14.78 -9.79
N LYS A 141 -6.11 14.79 -9.79
CA LYS A 141 -6.21 16.10 -10.42
CA LYS A 141 -6.21 16.11 -10.42
C LYS A 141 -7.35 16.15 -11.44
C LYS A 141 -7.33 16.16 -11.46
N GLU A 142 -7.50 15.09 -12.24
CA GLU A 142 -8.58 15.03 -13.23
CA GLU A 142 -8.56 15.04 -13.22
C GLU A 142 -9.94 15.16 -12.57
N LEU A 143 -10.07 14.66 -11.34
CA LEU A 143 -11.29 14.69 -10.56
C LEU A 143 -11.49 16.00 -9.79
N GLY A 144 -10.50 16.88 -9.81
CA GLY A 144 -10.56 18.11 -9.04
C GLY A 144 -9.99 18.07 -7.64
N PHE A 145 -9.15 17.07 -7.38
N PHE A 145 -9.13 17.10 -7.34
CA PHE A 145 -8.54 16.89 -6.08
CA PHE A 145 -8.50 16.96 -6.01
C PHE A 145 -7.02 17.09 -6.20
C PHE A 145 -7.01 17.23 -6.09
N SER A 146 -6.59 18.16 -6.90
N SER A 146 -6.58 18.48 -5.94
CA SER A 146 -5.17 18.46 -7.06
CA SER A 146 -5.22 18.85 -6.29
C SER A 146 -4.59 18.99 -5.75
C SER A 146 -4.40 18.93 -5.02
#